data_6IFC
#
_entry.id   6IFC
#
_cell.length_a   53.956
_cell.length_b   114.942
_cell.length_c   53.998
_cell.angle_alpha   90.00
_cell.angle_beta   114.12
_cell.angle_gamma   90.00
#
_symmetry.space_group_name_H-M   'P 1 21 1'
#
loop_
_entity.id
_entity.type
_entity.pdbx_description
1 polymer 'tRNA(fMet)-specific endonuclease VapC'
2 polymer 'Antitoxin VapB'
3 polymer 'Antitoxin VapB'
4 non-polymer 'CALCIUM ION'
5 water water
#
loop_
_entity_poly.entity_id
_entity_poly.type
_entity_poly.pdbx_seq_one_letter_code
_entity_poly.pdbx_strand_id
1 'polypeptide(L)'
;MLKFMLDTNTCIFTIKNKPEHIRERFNLNTSRMCISSITLMELIYGAEKSLAPERNLAVVEGFISRLEVLDYDTQAAIHT
GQIRAELARKGTPVGPYDQMIAGHAGSRGLVVVTNNLREFERIPGIRIEDWC
;
A,C,E,G
2 'polypeptide(L)' SWDSWFDGEGASTDFMSTREQP B,F
3 'polypeptide(L)' IITPVGESWDSWFDGEGASTDFMSTREQP D,H
#
# COMPACT_ATOMS: atom_id res chain seq x y z
N MET A 1 11.80 18.37 -1.97
CA MET A 1 11.47 17.31 -0.99
C MET A 1 11.44 15.96 -1.71
N LEU A 2 12.09 14.95 -1.12
CA LEU A 2 12.25 13.64 -1.76
C LEU A 2 10.89 12.95 -1.94
N LYS A 3 10.67 12.37 -3.10
CA LYS A 3 9.44 11.66 -3.37
C LYS A 3 9.68 10.22 -3.90
N PHE A 4 10.81 9.99 -4.53
CA PHE A 4 11.03 8.78 -5.28
C PHE A 4 12.33 8.13 -4.85
N MET A 5 12.29 6.84 -4.64
CA MET A 5 13.50 6.08 -4.37
C MET A 5 13.62 5.12 -5.53
N LEU A 6 14.70 5.27 -6.28
CA LEU A 6 14.95 4.44 -7.44
C LEU A 6 15.50 3.11 -7.00
N ASP A 7 14.87 2.02 -7.46
CA ASP A 7 15.37 0.72 -7.14
C ASP A 7 16.61 0.36 -7.96
N THR A 8 17.26 -0.65 -7.52
CA THR A 8 18.47 -1.05 -8.23
C THR A 8 18.27 -1.34 -9.69
N ASN A 9 17.19 -2.06 -10.05
CA ASN A 9 16.88 -2.37 -11.45
C ASN A 9 16.74 -1.16 -12.34
N THR A 10 16.02 -0.16 -11.87
CA THR A 10 15.91 1.05 -12.64
C THR A 10 17.28 1.71 -12.81
N CYS A 11 18.13 1.73 -11.78
CA CYS A 11 19.47 2.32 -11.92
C CYS A 11 20.34 1.55 -12.93
N ILE A 12 20.37 0.23 -12.85
CA ILE A 12 21.16 -0.56 -13.79
C ILE A 12 20.70 -0.30 -15.24
N PHE A 13 19.38 -0.33 -15.44
CA PHE A 13 18.81 -0.10 -16.77
C PHE A 13 19.17 1.25 -17.29
N THR A 14 19.12 2.25 -16.42
CA THR A 14 19.42 3.59 -16.81
C THR A 14 20.90 3.76 -17.18
N ILE A 15 21.74 3.16 -16.38
CA ILE A 15 23.16 3.17 -16.66
C ILE A 15 23.53 2.45 -17.97
N LYS A 16 22.94 1.29 -18.21
CA LYS A 16 23.25 0.51 -19.38
C LYS A 16 22.71 1.08 -20.68
N ASN A 17 21.51 1.66 -20.64
CA ASN A 17 20.81 2.13 -21.82
C ASN A 17 20.72 3.62 -21.99
N LYS A 18 21.02 4.39 -20.94
CA LYS A 18 20.91 5.82 -21.02
C LYS A 18 19.61 6.29 -21.76
N PRO A 19 18.46 5.83 -21.33
CA PRO A 19 17.25 6.03 -22.14
C PRO A 19 16.71 7.42 -22.10
N GLU A 20 16.21 7.84 -23.24
CA GLU A 20 15.68 9.16 -23.43
C GLU A 20 14.56 9.47 -22.46
N HIS A 21 13.63 8.54 -22.31
CA HIS A 21 12.48 8.79 -21.45
C HIS A 21 12.84 8.95 -19.98
N ILE A 22 13.84 8.22 -19.54
CA ILE A 22 14.32 8.38 -18.18
C ILE A 22 14.99 9.75 -17.95
N ARG A 23 15.75 10.23 -18.94
CA ARG A 23 16.43 11.50 -18.89
C ARG A 23 15.41 12.60 -18.66
N GLU A 24 14.32 12.56 -19.40
CA GLU A 24 13.23 13.51 -19.24
C GLU A 24 12.62 13.41 -17.84
N ARG A 25 12.38 12.20 -17.33
CA ARG A 25 11.86 12.04 -16.01
C ARG A 25 12.83 12.62 -14.97
N PHE A 26 14.13 12.28 -15.08
CA PHE A 26 15.18 12.81 -14.21
C PHE A 26 15.23 14.30 -14.18
N ASN A 27 15.25 14.92 -15.35
CA ASN A 27 15.30 16.38 -15.41
C ASN A 27 14.12 17.09 -14.76
N LEU A 28 12.94 16.53 -14.97
CA LEU A 28 11.72 17.00 -14.32
C LEU A 28 11.79 16.77 -12.80
N ASN A 29 12.38 15.67 -12.34
CA ASN A 29 12.35 15.35 -10.93
C ASN A 29 13.66 15.55 -10.22
N THR A 30 14.46 16.50 -10.66
CA THR A 30 15.71 16.76 -9.97
C THR A 30 15.42 17.18 -8.52
N SER A 31 16.26 16.72 -7.64
CA SER A 31 16.08 16.98 -6.21
C SER A 31 14.81 16.36 -5.56
N ARG A 32 14.06 15.53 -6.28
CA ARG A 32 13.06 14.69 -5.64
C ARG A 32 13.36 13.20 -5.69
N MET A 33 14.54 12.85 -6.16
CA MET A 33 15.00 11.48 -6.36
C MET A 33 16.14 11.06 -5.44
N CYS A 34 16.10 9.82 -5.00
CA CYS A 34 17.14 9.32 -4.17
C CYS A 34 17.34 7.84 -4.46
N ILE A 35 18.45 7.32 -3.99
CA ILE A 35 18.60 5.89 -3.84
C ILE A 35 18.94 5.54 -2.38
N SER A 36 18.73 4.28 -2.04
CA SER A 36 19.23 3.72 -0.80
C SER A 36 20.70 3.39 -0.93
N SER A 37 21.36 3.46 0.20
CA SER A 37 22.78 3.05 0.24
C SER A 37 22.85 1.57 -0.12
N ILE A 38 21.78 0.79 0.09
CA ILE A 38 21.75 -0.64 -0.36
C ILE A 38 22.00 -0.74 -1.88
N THR A 39 21.33 0.09 -2.64
CA THR A 39 21.51 0.18 -4.11
C THR A 39 22.88 0.69 -4.47
N LEU A 40 23.42 1.62 -3.66
CA LEU A 40 24.81 2.09 -3.92
C LEU A 40 25.75 0.87 -3.85
N MET A 41 25.57 0.05 -2.82
CA MET A 41 26.42 -1.12 -2.66
C MET A 41 26.36 -2.01 -3.89
N GLU A 42 25.17 -2.24 -4.43
CA GLU A 42 25.00 -3.08 -5.61
C GLU A 42 25.64 -2.49 -6.86
N LEU A 43 25.54 -1.18 -7.04
CA LEU A 43 26.21 -0.51 -8.18
C LEU A 43 27.74 -0.51 -8.11
N ILE A 44 28.29 -0.43 -6.91
CA ILE A 44 29.73 -0.43 -6.77
C ILE A 44 30.24 -1.85 -7.03
N TYR A 45 29.54 -2.84 -6.47
CA TYR A 45 29.87 -4.23 -6.68
C TYR A 45 29.86 -4.51 -8.23
N GLY A 46 28.81 -4.07 -8.87
CA GLY A 46 28.66 -4.27 -10.34
C GLY A 46 29.83 -3.65 -11.10
N ALA A 47 30.23 -2.44 -10.66
CA ALA A 47 31.33 -1.78 -11.30
C ALA A 47 32.60 -2.59 -11.05
N GLU A 48 32.85 -2.90 -9.80
CA GLU A 48 34.13 -3.43 -9.41
C GLU A 48 34.39 -4.84 -9.92
N LYS A 49 33.34 -5.63 -10.10
CA LYS A 49 33.46 -7.00 -10.63
C LYS A 49 33.47 -7.07 -12.14
N SER A 50 33.17 -5.97 -12.81
CA SER A 50 33.03 -5.96 -14.28
C SER A 50 34.38 -6.02 -15.03
N LEU A 51 34.30 -6.10 -16.35
CA LEU A 51 35.53 -6.13 -17.15
C LEU A 51 36.20 -4.76 -17.34
N ALA A 52 35.54 -3.65 -16.94
CA ALA A 52 36.12 -2.31 -17.07
C ALA A 52 35.87 -1.51 -15.80
N PRO A 53 36.49 -1.94 -14.70
CA PRO A 53 36.10 -1.48 -13.36
C PRO A 53 36.28 0.01 -13.17
N GLU A 54 37.41 0.55 -13.61
CA GLU A 54 37.67 1.97 -13.34
C GLU A 54 36.65 2.78 -14.14
N ARG A 55 36.47 2.38 -15.38
CA ARG A 55 35.51 3.06 -16.20
C ARG A 55 34.06 2.93 -15.71
N ASN A 56 33.67 1.73 -15.35
CA ASN A 56 32.36 1.58 -14.80
C ASN A 56 32.14 2.28 -13.45
N LEU A 57 33.16 2.30 -12.60
CA LEU A 57 33.12 3.15 -11.37
C LEU A 57 32.85 4.61 -11.66
N ALA A 58 33.50 5.15 -12.69
CA ALA A 58 33.31 6.53 -12.98
C ALA A 58 31.89 6.75 -13.43
N VAL A 59 31.29 5.84 -14.22
CA VAL A 59 29.89 6.07 -14.63
C VAL A 59 28.96 6.03 -13.40
N VAL A 60 29.25 5.08 -12.50
CA VAL A 60 28.47 4.92 -11.31
C VAL A 60 28.60 6.18 -10.47
N GLU A 61 29.84 6.65 -10.30
CA GLU A 61 30.10 7.83 -9.53
C GLU A 61 29.38 9.05 -10.07
N GLY A 62 29.30 9.22 -11.39
CA GLY A 62 28.64 10.40 -11.90
C GLY A 62 27.12 10.34 -11.74
N PHE A 63 26.59 9.13 -11.81
CA PHE A 63 25.19 8.84 -11.56
C PHE A 63 24.83 9.21 -10.09
N ILE A 64 25.50 8.59 -9.13
CA ILE A 64 25.14 8.89 -7.75
C ILE A 64 25.45 10.30 -7.30
N SER A 65 26.44 10.96 -7.93
CA SER A 65 26.74 12.30 -7.52
C SER A 65 25.58 13.22 -7.88
N ARG A 66 24.71 12.82 -8.80
CA ARG A 66 23.63 13.67 -9.17
C ARG A 66 22.31 13.42 -8.43
N LEU A 67 22.30 12.58 -7.41
CA LEU A 67 21.07 12.46 -6.66
C LEU A 67 21.45 12.24 -5.20
N GLU A 68 20.49 12.13 -4.31
CA GLU A 68 20.76 11.84 -2.90
C GLU A 68 20.81 10.34 -2.63
N VAL A 69 21.83 9.95 -1.91
CA VAL A 69 21.94 8.58 -1.38
C VAL A 69 21.60 8.55 0.10
N LEU A 70 20.54 7.84 0.48
CA LEU A 70 20.13 7.77 1.89
C LEU A 70 20.79 6.64 2.63
N ASP A 71 21.30 6.96 3.80
CA ASP A 71 21.82 5.95 4.71
C ASP A 71 20.69 5.01 5.11
N TYR A 72 20.99 3.71 5.16
CA TYR A 72 20.02 2.74 5.66
C TYR A 72 20.07 2.67 7.20
N ASP A 73 19.13 3.38 7.85
CA ASP A 73 19.17 3.72 9.20
C ASP A 73 18.23 2.89 10.09
N THR A 74 18.20 3.19 11.36
CA THR A 74 17.40 2.35 12.27
C THR A 74 15.94 2.20 11.85
N GLN A 75 15.29 3.29 11.44
CA GLN A 75 13.88 3.22 11.00
C GLN A 75 13.73 2.38 9.71
N ALA A 76 14.66 2.55 8.76
CA ALA A 76 14.64 1.65 7.60
C ALA A 76 14.72 0.15 8.00
N ALA A 77 15.58 -0.17 8.95
CA ALA A 77 15.78 -1.53 9.46
C ALA A 77 14.52 -2.07 10.07
N ILE A 78 13.95 -1.28 10.95
CA ILE A 78 12.70 -1.70 11.63
C ILE A 78 11.57 -1.94 10.60
N HIS A 79 11.35 -0.99 9.69
CA HIS A 79 10.32 -1.16 8.67
C HIS A 79 10.57 -2.40 7.78
N THR A 80 11.85 -2.68 7.52
CA THR A 80 12.21 -3.83 6.73
C THR A 80 11.92 -5.11 7.49
N GLY A 81 12.35 -5.20 8.75
CA GLY A 81 12.05 -6.38 9.54
C GLY A 81 10.55 -6.66 9.60
N GLN A 82 9.72 -5.64 9.69
CA GLN A 82 8.24 -5.84 9.75
C GLN A 82 7.74 -6.41 8.47
N ILE A 83 8.22 -5.84 7.37
CA ILE A 83 7.82 -6.28 6.09
C ILE A 83 8.23 -7.72 5.82
N ARG A 84 9.44 -8.11 6.21
CA ARG A 84 9.89 -9.46 5.99
C ARG A 84 8.99 -10.42 6.76
N ALA A 85 8.61 -10.03 7.99
CA ALA A 85 7.68 -10.84 8.76
C ALA A 85 6.31 -11.00 8.10
N GLU A 86 5.75 -9.94 7.55
CA GLU A 86 4.44 -10.08 6.90
C GLU A 86 4.57 -10.85 5.60
N LEU A 87 5.66 -10.67 4.86
CA LEU A 87 5.83 -11.51 3.68
C LEU A 87 6.00 -13.01 3.98
N ALA A 88 6.68 -13.33 5.10
CA ALA A 88 6.90 -14.73 5.51
C ALA A 88 5.55 -15.33 5.85
N ARG A 89 4.76 -14.56 6.61
CA ARG A 89 3.39 -14.93 6.97
C ARG A 89 2.56 -15.27 5.75
N LYS A 90 2.83 -14.63 4.61
CA LYS A 90 2.12 -14.93 3.37
C LYS A 90 2.91 -15.82 2.38
N GLY A 91 4.05 -16.39 2.82
CA GLY A 91 4.91 -17.22 1.97
C GLY A 91 5.18 -16.64 0.59
N THR A 92 5.53 -15.36 0.56
CA THR A 92 5.83 -14.64 -0.70
C THR A 92 7.34 -14.35 -0.79
N PRO A 93 8.03 -14.83 -1.85
CA PRO A 93 9.47 -14.56 -1.92
C PRO A 93 9.76 -13.16 -2.51
N VAL A 94 10.60 -12.39 -1.83
CA VAL A 94 11.19 -11.18 -2.40
C VAL A 94 12.65 -11.27 -2.06
N GLY A 95 13.51 -10.79 -2.94
CA GLY A 95 14.90 -10.86 -2.69
C GLY A 95 15.30 -9.90 -1.56
N PRO A 96 16.42 -10.19 -0.95
CA PRO A 96 16.94 -9.54 0.24
C PRO A 96 17.21 -8.09 0.05
N TYR A 97 17.72 -7.70 -1.13
CA TYR A 97 17.96 -6.28 -1.33
C TYR A 97 16.68 -5.56 -1.65
N ASP A 98 15.82 -6.20 -2.45
CA ASP A 98 14.53 -5.59 -2.75
C ASP A 98 13.73 -5.29 -1.50
N GLN A 99 13.74 -6.23 -0.57
CA GLN A 99 13.10 -6.06 0.73
C GLN A 99 13.62 -4.79 1.49
N MET A 100 14.92 -4.63 1.52
CA MET A 100 15.54 -3.50 2.21
C MET A 100 15.24 -2.20 1.58
N ILE A 101 15.21 -2.20 0.26
CA ILE A 101 14.84 -1.03 -0.45
C ILE A 101 13.38 -0.69 -0.25
N ALA A 102 12.51 -1.71 -0.19
CA ALA A 102 11.08 -1.45 0.06
C ALA A 102 10.84 -0.91 1.48
N GLY A 103 11.49 -1.53 2.47
CA GLY A 103 11.51 -1.00 3.83
C GLY A 103 12.11 0.38 3.97
N HIS A 104 13.22 0.59 3.30
CA HIS A 104 13.80 1.91 3.31
C HIS A 104 12.80 2.96 2.81
N ALA A 105 12.26 2.76 1.61
CA ALA A 105 11.29 3.67 1.05
C ALA A 105 10.07 3.90 1.93
N GLY A 106 9.58 2.81 2.50
CA GLY A 106 8.38 2.80 3.35
C GLY A 106 8.70 3.57 4.60
N SER A 107 9.92 3.45 5.12
CA SER A 107 10.25 4.25 6.32
C SER A 107 10.32 5.75 6.04
N ARG A 108 10.45 6.16 4.79
CA ARG A 108 10.53 7.56 4.47
C ARG A 108 9.29 8.08 3.72
N GLY A 109 8.27 7.25 3.56
CA GLY A 109 7.08 7.59 2.79
C GLY A 109 7.32 7.82 1.31
N LEU A 110 8.30 7.13 0.71
CA LEU A 110 8.69 7.36 -0.66
C LEU A 110 8.00 6.39 -1.67
N VAL A 111 7.92 6.82 -2.92
CA VAL A 111 7.45 5.93 -3.99
C VAL A 111 8.68 5.18 -4.49
N VAL A 112 8.62 3.85 -4.57
CA VAL A 112 9.68 3.07 -5.23
C VAL A 112 9.51 3.10 -6.80
N VAL A 113 10.54 3.56 -7.51
CA VAL A 113 10.53 3.59 -8.98
C VAL A 113 11.28 2.36 -9.46
N THR A 114 10.57 1.46 -10.15
CA THR A 114 11.11 0.18 -10.50
C THR A 114 10.51 -0.34 -11.80
N ASN A 115 11.31 -1.08 -12.58
CA ASN A 115 10.87 -1.64 -13.84
C ASN A 115 10.63 -3.12 -13.68
N ASN A 116 10.63 -3.58 -12.42
CA ASN A 116 10.28 -4.93 -12.07
C ASN A 116 9.09 -4.90 -11.14
N LEU A 117 7.97 -4.46 -11.67
CA LEU A 117 6.79 -4.29 -10.88
C LEU A 117 6.31 -5.55 -10.16
N ARG A 118 6.39 -6.68 -10.84
CA ARG A 118 5.94 -7.97 -10.30
C ARG A 118 6.53 -8.37 -8.92
N GLU A 119 7.81 -8.12 -8.69
CA GLU A 119 8.45 -8.35 -7.40
C GLU A 119 7.97 -7.41 -6.28
N PHE A 120 7.71 -6.15 -6.60
CA PHE A 120 7.40 -5.20 -5.57
C PHE A 120 5.91 -5.13 -5.26
N GLU A 121 5.08 -5.55 -6.22
CA GLU A 121 3.65 -5.41 -6.12
C GLU A 121 3.03 -6.16 -4.97
N ARG A 122 3.68 -7.22 -4.51
CA ARG A 122 3.13 -8.01 -3.43
C ARG A 122 3.59 -7.58 -2.02
N ILE A 123 4.38 -6.51 -1.95
CA ILE A 123 4.77 -5.96 -0.65
C ILE A 123 3.63 -5.14 -0.10
N PRO A 124 3.18 -5.47 1.12
CA PRO A 124 2.08 -4.68 1.66
C PRO A 124 2.48 -3.20 1.96
N GLY A 125 1.57 -2.27 1.72
CA GLY A 125 1.86 -0.87 1.87
C GLY A 125 2.73 -0.22 0.77
N ILE A 126 3.10 -0.97 -0.28
CA ILE A 126 3.95 -0.43 -1.36
C ILE A 126 3.28 0.70 -2.08
N ARG A 127 4.07 1.70 -2.45
CA ARG A 127 3.71 2.57 -3.53
C ARG A 127 4.81 2.51 -4.59
N ILE A 128 4.42 2.23 -5.84
CA ILE A 128 5.35 2.03 -6.94
C ILE A 128 4.98 2.79 -8.19
N GLU A 129 6.01 3.08 -8.97
CA GLU A 129 5.86 3.66 -10.28
C GLU A 129 6.91 3.02 -11.16
N ASP A 130 6.61 2.87 -12.45
CA ASP A 130 7.58 2.33 -13.43
C ASP A 130 7.89 3.43 -14.43
N TRP A 131 9.16 3.79 -14.56
CA TRP A 131 9.53 4.88 -15.46
C TRP A 131 9.94 4.40 -16.88
N CYS A 132 10.05 3.08 -17.08
CA CYS A 132 10.32 2.46 -18.39
C CYS A 132 9.04 2.08 -19.17
N SER B 1 24.92 18.56 -15.43
CA SER B 1 23.50 18.28 -15.82
C SER B 1 23.29 16.78 -15.79
N TRP B 2 22.04 16.32 -15.84
CA TRP B 2 21.83 14.91 -16.23
C TRP B 2 22.19 14.71 -17.71
N ASP B 3 21.92 15.69 -18.55
CA ASP B 3 22.18 15.58 -20.00
C ASP B 3 23.62 15.16 -20.30
N SER B 4 24.56 15.77 -19.60
CA SER B 4 25.96 15.47 -19.80
C SER B 4 26.34 14.08 -19.33
N TRP B 5 25.64 13.58 -18.30
CA TRP B 5 25.83 12.21 -17.88
C TRP B 5 25.21 11.26 -18.90
N PHE B 6 24.04 11.59 -19.40
CA PHE B 6 23.38 10.68 -20.35
C PHE B 6 24.15 10.63 -21.65
N ASP B 7 24.86 11.72 -21.97
CA ASP B 7 25.53 11.71 -23.26
C ASP B 7 27.00 11.38 -23.14
N GLY B 8 27.49 11.15 -21.93
CA GLY B 8 28.92 11.06 -21.69
C GLY B 8 29.47 9.65 -21.77
N GLU B 9 30.39 9.37 -20.87
CA GLU B 9 30.98 8.09 -20.76
C GLU B 9 29.90 6.97 -20.61
N GLY B 10 30.07 5.88 -21.35
CA GLY B 10 29.17 4.73 -21.29
C GLY B 10 29.89 3.63 -20.53
N ALA B 11 29.10 2.84 -19.80
CA ALA B 11 29.49 1.65 -19.18
C ALA B 11 29.78 0.56 -20.22
N SER B 12 30.66 -0.34 -19.88
CA SER B 12 30.96 -1.51 -20.74
C SER B 12 29.71 -2.41 -20.82
N THR B 13 29.57 -3.15 -21.91
CA THR B 13 28.28 -3.84 -22.16
C THR B 13 28.04 -4.97 -21.14
N ASP B 14 29.09 -5.48 -20.51
CA ASP B 14 28.93 -6.50 -19.47
C ASP B 14 28.40 -5.96 -18.11
N PHE B 15 28.55 -4.67 -17.87
CA PHE B 15 28.15 -4.13 -16.56
C PHE B 15 26.79 -4.64 -16.07
N MET B 16 26.80 -5.39 -14.96
CA MET B 16 25.59 -5.94 -14.35
C MET B 16 24.58 -6.44 -15.36
N SER B 17 25.05 -7.26 -16.31
CA SER B 17 24.18 -7.80 -17.33
C SER B 17 23.26 -8.87 -16.68
N THR B 18 23.73 -9.46 -15.58
CA THR B 18 22.84 -9.97 -14.53
C THR B 18 23.12 -9.28 -13.18
N ARG B 19 22.05 -9.02 -12.44
CA ARG B 19 22.16 -8.24 -11.21
C ARG B 19 22.83 -8.98 -10.01
N GLU B 20 22.53 -10.28 -9.91
CA GLU B 20 23.15 -11.20 -8.93
C GLU B 20 22.73 -10.93 -7.49
N GLN B 21 21.43 -10.68 -7.30
CA GLN B 21 20.80 -10.65 -5.99
C GLN B 21 20.64 -12.08 -5.39
N PRO B 22 21.37 -12.41 -4.29
CA PRO B 22 21.23 -13.71 -3.63
C PRO B 22 20.16 -13.69 -2.55
N MET C 1 35.95 4.84 22.60
CA MET C 1 35.88 4.76 21.13
C MET C 1 35.24 3.40 20.81
N LEU C 2 34.49 3.33 19.70
CA LEU C 2 33.87 2.06 19.27
C LEU C 2 35.03 1.23 18.77
N LYS C 3 35.03 -0.05 19.10
CA LYS C 3 36.06 -0.98 18.64
C LYS C 3 35.48 -2.25 18.00
N PHE C 4 34.27 -2.65 18.39
CA PHE C 4 33.71 -4.00 18.06
C PHE C 4 32.37 -3.92 17.41
N MET C 5 32.18 -4.65 16.32
CA MET C 5 30.83 -4.82 15.74
C MET C 5 30.43 -6.26 15.86
N LEU C 6 29.30 -6.47 16.53
CA LEU C 6 28.84 -7.82 16.76
C LEU C 6 28.11 -8.37 15.55
N ASP C 7 28.52 -9.51 15.01
CA ASP C 7 27.78 -10.11 13.90
C ASP C 7 26.38 -10.63 14.37
N THR C 8 25.48 -10.85 13.42
CA THR C 8 24.11 -11.21 13.76
C THR C 8 24.03 -12.51 14.54
N ASN C 9 24.86 -13.49 14.18
CA ASN C 9 24.89 -14.80 14.85
C ASN C 9 25.30 -14.75 16.28
N THR C 10 26.29 -13.94 16.57
CA THR C 10 26.62 -13.65 17.92
C THR C 10 25.50 -13.00 18.72
N CYS C 11 24.83 -12.04 18.09
CA CYS C 11 23.67 -11.43 18.76
C CYS C 11 22.59 -12.48 19.06
N ILE C 12 22.23 -13.28 18.08
CA ILE C 12 21.17 -14.28 18.29
C ILE C 12 21.57 -15.22 19.42
N PHE C 13 22.80 -15.70 19.37
CA PHE C 13 23.22 -16.69 20.33
C PHE C 13 23.24 -16.13 21.74
N THR C 14 23.60 -14.87 21.88
CA THR C 14 23.65 -14.17 23.16
C THR C 14 22.24 -13.92 23.69
N ILE C 15 21.34 -13.54 22.79
CA ILE C 15 19.93 -13.38 23.15
C ILE C 15 19.33 -14.70 23.64
N LYS C 16 19.62 -15.80 22.95
CA LYS C 16 18.96 -17.07 23.26
C LYS C 16 19.59 -17.75 24.48
N ASN C 17 20.91 -17.60 24.63
CA ASN C 17 21.66 -18.33 25.62
C ASN C 17 22.24 -17.53 26.79
N LYS C 18 22.27 -16.18 26.71
CA LYS C 18 22.92 -15.34 27.72
C LYS C 18 24.21 -15.95 28.33
N PRO C 19 25.20 -16.22 27.49
CA PRO C 19 26.37 -17.01 27.91
C PRO C 19 27.30 -16.22 28.77
N GLU C 20 27.92 -16.90 29.73
CA GLU C 20 28.91 -16.28 30.62
C GLU C 20 30.09 -15.62 29.91
N HIS C 21 30.73 -16.30 28.97
CA HIS C 21 31.89 -15.72 28.28
C HIS C 21 31.54 -14.39 27.54
N ILE C 22 30.38 -14.34 26.96
CA ILE C 22 29.89 -13.12 26.29
C ILE C 22 29.64 -11.97 27.30
N ARG C 23 28.97 -12.28 28.43
CA ARG C 23 28.68 -11.33 29.49
C ARG C 23 29.96 -10.70 29.98
N GLU C 24 31.00 -11.50 30.19
CA GLU C 24 32.29 -10.99 30.62
C GLU C 24 32.85 -9.99 29.59
N ARG C 25 32.81 -10.33 28.30
CA ARG C 25 33.34 -9.47 27.25
C ARG C 25 32.53 -8.20 27.17
N PHE C 26 31.20 -8.34 27.28
CA PHE C 26 30.30 -7.18 27.24
C PHE C 26 30.65 -6.23 28.28
N ASN C 27 30.83 -6.70 29.52
CA ASN C 27 31.20 -5.79 30.61
C ASN C 27 32.56 -5.18 30.50
N LEU C 28 33.53 -5.93 30.00
CA LEU C 28 34.87 -5.43 29.72
C LEU C 28 34.87 -4.34 28.62
N ASN C 29 33.98 -4.47 27.65
CA ASN C 29 33.92 -3.56 26.50
C ASN C 29 32.66 -2.71 26.41
N THR C 30 32.08 -2.38 27.56
CA THR C 30 30.88 -1.49 27.61
C THR C 30 31.19 -0.17 26.92
N SER C 31 30.25 0.35 26.14
CA SER C 31 30.50 1.61 25.36
C SER C 31 31.50 1.45 24.19
N ARG C 32 32.10 0.28 23.98
CA ARG C 32 32.93 0.09 22.80
C ARG C 32 32.33 -0.87 21.76
N MET C 33 31.04 -1.19 21.92
CA MET C 33 30.38 -2.16 21.04
C MET C 33 29.21 -1.54 20.26
N CYS C 34 28.99 -2.07 19.04
CA CYS C 34 27.90 -1.64 18.19
C CYS C 34 27.41 -2.80 17.36
N ILE C 35 26.24 -2.59 16.82
CA ILE C 35 25.83 -3.41 15.69
C ILE C 35 25.52 -2.54 14.50
N SER C 36 25.53 -3.17 13.34
CA SER C 36 25.07 -2.53 12.09
C SER C 36 23.55 -2.50 12.10
N SER C 37 22.99 -1.50 11.47
CA SER C 37 21.49 -1.52 11.27
C SER C 37 21.04 -2.76 10.49
N ILE C 38 21.97 -3.38 9.76
CA ILE C 38 21.59 -4.59 9.00
C ILE C 38 21.19 -5.69 9.99
N THR C 39 21.98 -5.82 11.06
CA THR C 39 21.70 -6.76 12.13
C THR C 39 20.41 -6.37 12.84
N LEU C 40 20.19 -5.08 13.07
CA LEU C 40 18.99 -4.70 13.73
C LEU C 40 17.80 -5.28 12.95
N MET C 41 17.85 -5.15 11.64
CA MET C 41 16.79 -5.57 10.77
C MET C 41 16.51 -7.06 10.92
N GLU C 42 17.56 -7.88 10.95
CA GLU C 42 17.40 -9.28 11.17
C GLU C 42 16.77 -9.61 12.52
N LEU C 43 17.18 -8.91 13.58
CA LEU C 43 16.66 -9.15 14.90
C LEU C 43 15.17 -8.73 15.01
N ILE C 44 14.82 -7.61 14.36
CA ILE C 44 13.44 -7.22 14.34
C ILE C 44 12.59 -8.24 13.57
N TYR C 45 13.09 -8.74 12.45
CA TYR C 45 12.43 -9.84 11.72
C TYR C 45 12.23 -11.09 12.59
N GLY C 46 13.29 -11.53 13.27
CA GLY C 46 13.23 -12.66 14.24
C GLY C 46 12.11 -12.47 15.28
N ALA C 47 12.08 -11.29 15.86
CA ALA C 47 11.07 -10.97 16.84
C ALA C 47 9.68 -11.02 16.25
N GLU C 48 9.48 -10.35 15.14
CA GLU C 48 8.14 -10.16 14.57
C GLU C 48 7.60 -11.44 14.01
N LYS C 49 8.48 -12.33 13.56
CA LYS C 49 7.98 -13.52 12.96
C LYS C 49 7.79 -14.62 14.00
N SER C 50 8.20 -14.41 15.26
CA SER C 50 8.13 -15.42 16.30
C SER C 50 6.73 -15.60 16.91
N LEU C 51 6.61 -16.66 17.69
CA LEU C 51 5.40 -16.91 18.43
C LEU C 51 5.19 -15.90 19.54
N ALA C 52 6.18 -15.12 19.94
CA ALA C 52 5.96 -14.13 21.01
C ALA C 52 6.56 -12.81 20.65
N PRO C 53 5.98 -12.14 19.62
CA PRO C 53 6.59 -10.93 19.07
C PRO C 53 6.80 -9.84 20.09
N GLU C 54 5.80 -9.57 20.91
CA GLU C 54 5.91 -8.46 21.85
C GLU C 54 7.05 -8.73 22.86
N ARG C 55 7.02 -9.90 23.44
CA ARG C 55 8.05 -10.31 24.36
C ARG C 55 9.47 -10.21 23.74
N ASN C 56 9.59 -10.65 22.51
CA ASN C 56 10.93 -10.83 21.90
C ASN C 56 11.42 -9.49 21.44
N LEU C 57 10.48 -8.61 21.08
CA LEU C 57 10.85 -7.25 20.67
C LEU C 57 11.47 -6.51 21.82
N ALA C 58 10.89 -6.71 23.01
CA ALA C 58 11.37 -6.02 24.19
C ALA C 58 12.78 -6.50 24.62
N VAL C 59 13.00 -7.78 24.47
CA VAL C 59 14.32 -8.34 24.72
C VAL C 59 15.33 -7.71 23.77
N VAL C 60 14.95 -7.60 22.51
CA VAL C 60 15.84 -6.99 21.51
C VAL C 60 16.07 -5.54 21.79
N GLU C 61 15.01 -4.82 22.18
CA GLU C 61 15.11 -3.42 22.41
C GLU C 61 16.03 -3.12 23.59
N GLY C 62 15.97 -3.99 24.59
CA GLY C 62 16.84 -3.89 25.73
C GLY C 62 18.29 -4.17 25.35
N PHE C 63 18.53 -5.12 24.47
CA PHE C 63 19.87 -5.39 23.95
C PHE C 63 20.41 -4.15 23.21
N ILE C 64 19.66 -3.66 22.25
CA ILE C 64 20.19 -2.57 21.43
C ILE C 64 20.24 -1.23 22.15
N SER C 65 19.38 -1.00 23.15
CA SER C 65 19.47 0.24 23.89
C SER C 65 20.73 0.32 24.76
N ARG C 66 21.47 -0.79 24.91
CA ARG C 66 22.69 -0.78 25.72
C ARG C 66 23.99 -0.70 24.93
N LEU C 67 23.87 -0.62 23.60
CA LEU C 67 25.00 -0.47 22.72
C LEU C 67 24.58 0.48 21.61
N GLU C 68 25.45 0.68 20.62
CA GLU C 68 25.11 1.55 19.51
C GLU C 68 24.72 0.79 18.29
N VAL C 69 23.64 1.23 17.66
CA VAL C 69 23.34 0.84 16.28
C VAL C 69 23.87 1.81 15.23
N LEU C 70 24.79 1.37 14.37
CA LEU C 70 25.31 2.26 13.34
C LEU C 70 24.49 2.17 12.05
N ASP C 71 24.20 3.33 11.43
CA ASP C 71 23.60 3.51 10.12
C ASP C 71 24.50 2.87 9.04
N TYR C 72 23.91 2.10 8.14
CA TYR C 72 24.62 1.55 6.97
C TYR C 72 24.70 2.65 5.92
N ASP C 73 25.85 3.31 5.94
CA ASP C 73 26.01 4.57 5.27
C ASP C 73 26.76 4.42 3.94
N THR C 74 27.15 5.55 3.34
CA THR C 74 27.75 5.53 2.01
C THR C 74 29.08 4.75 2.04
N GLN C 75 29.90 4.97 3.06
CA GLN C 75 31.20 4.30 3.09
C GLN C 75 31.03 2.85 3.34
N ALA C 76 30.10 2.47 4.22
CA ALA C 76 29.77 1.03 4.41
C ALA C 76 29.42 0.37 3.07
N ALA C 77 28.57 1.04 2.34
CA ALA C 77 28.08 0.55 1.03
C ALA C 77 29.20 0.38 -0.01
N ILE C 78 30.11 1.36 -0.09
CA ILE C 78 31.21 1.30 -1.00
C ILE C 78 32.14 0.15 -0.63
N HIS C 79 32.48 0.06 0.64
CA HIS C 79 33.42 -0.93 1.08
C HIS C 79 32.82 -2.34 0.91
N THR C 80 31.53 -2.43 1.19
CA THR C 80 30.81 -3.68 0.92
C THR C 80 30.84 -4.06 -0.56
N GLY C 81 30.53 -3.12 -1.44
CA GLY C 81 30.63 -3.38 -2.86
C GLY C 81 32.02 -3.92 -3.28
N GLN C 82 33.06 -3.27 -2.78
CA GLN C 82 34.44 -3.66 -3.10
C GLN C 82 34.77 -5.05 -2.62
N ILE C 83 34.47 -5.34 -1.36
CA ILE C 83 34.64 -6.69 -0.82
C ILE C 83 33.85 -7.74 -1.62
N ARG C 84 32.57 -7.49 -1.88
CA ARG C 84 31.77 -8.45 -2.69
C ARG C 84 32.48 -8.84 -3.96
N ALA C 85 32.95 -7.83 -4.69
CA ALA C 85 33.60 -8.01 -5.97
C ALA C 85 34.87 -8.82 -5.82
N GLU C 86 35.68 -8.53 -4.82
CA GLU C 86 36.88 -9.39 -4.53
C GLU C 86 36.51 -10.83 -4.23
N LEU C 87 35.46 -11.01 -3.45
CA LEU C 87 35.04 -12.36 -3.10
C LEU C 87 34.51 -13.13 -4.33
N ALA C 88 33.75 -12.47 -5.18
CA ALA C 88 33.27 -13.08 -6.39
C ALA C 88 34.47 -13.60 -7.18
N ARG C 89 35.40 -12.69 -7.46
CA ARG C 89 36.53 -13.02 -8.29
C ARG C 89 37.25 -14.27 -7.73
N LYS C 90 37.37 -14.40 -6.41
CA LYS C 90 38.01 -15.60 -5.81
C LYS C 90 37.09 -16.80 -5.57
N GLY C 91 35.81 -16.70 -5.91
CA GLY C 91 34.88 -17.81 -5.79
C GLY C 91 34.55 -18.27 -4.39
N THR C 92 34.66 -17.37 -3.42
CA THR C 92 34.35 -17.70 -2.05
C THR C 92 33.39 -16.66 -1.48
N PRO C 93 32.18 -16.54 -2.04
CA PRO C 93 31.27 -15.64 -1.37
C PRO C 93 30.78 -16.04 0.03
N VAL C 94 30.10 -15.08 0.62
CA VAL C 94 29.65 -15.08 1.99
C VAL C 94 28.17 -14.69 1.86
N GLY C 95 27.35 -14.99 2.81
CA GLY C 95 25.95 -14.66 2.70
C GLY C 95 25.76 -13.15 2.65
N PRO C 96 24.61 -12.74 2.12
CA PRO C 96 24.32 -11.35 1.82
C PRO C 96 24.41 -10.39 3.02
N TYR C 97 23.88 -10.79 4.16
CA TYR C 97 23.84 -9.93 5.34
C TYR C 97 25.22 -9.87 5.94
N ASP C 98 25.85 -11.04 6.02
CA ASP C 98 27.16 -11.12 6.56
C ASP C 98 28.15 -10.23 5.78
N GLN C 99 28.03 -10.21 4.46
CA GLN C 99 28.89 -9.38 3.59
C GLN C 99 28.75 -7.88 3.97
N MET C 100 27.50 -7.47 4.22
CA MET C 100 27.20 -6.09 4.56
C MET C 100 27.78 -5.69 5.88
N ILE C 101 27.67 -6.61 6.83
CA ILE C 101 28.19 -6.35 8.16
C ILE C 101 29.71 -6.23 8.05
N ALA C 102 30.36 -7.19 7.38
CA ALA C 102 31.79 -7.11 7.26
C ALA C 102 32.20 -5.81 6.55
N GLY C 103 31.48 -5.42 5.51
CA GLY C 103 31.76 -4.18 4.82
C GLY C 103 31.60 -2.95 5.72
N HIS C 104 30.58 -3.01 6.58
CA HIS C 104 30.30 -1.90 7.49
C HIS C 104 31.41 -1.80 8.52
N ALA C 105 31.75 -2.94 9.12
CA ALA C 105 32.82 -2.92 10.13
C ALA C 105 34.11 -2.44 9.49
N GLY C 106 34.36 -2.95 8.28
CA GLY C 106 35.55 -2.57 7.48
C GLY C 106 35.67 -1.05 7.27
N SER C 107 34.56 -0.41 6.96
CA SER C 107 34.56 0.96 6.62
C SER C 107 34.84 1.79 7.89
N ARG C 108 34.57 1.24 9.08
CA ARG C 108 34.69 1.99 10.32
C ARG C 108 35.94 1.57 11.08
N GLY C 109 36.67 0.59 10.60
CA GLY C 109 37.90 0.12 11.22
C GLY C 109 37.60 -0.67 12.48
N LEU C 110 36.54 -1.46 12.45
CA LEU C 110 36.08 -2.12 13.64
C LEU C 110 36.33 -3.60 13.56
N VAL C 111 36.44 -4.24 14.70
CA VAL C 111 36.56 -5.71 14.79
C VAL C 111 35.20 -6.40 14.78
N VAL C 112 35.03 -7.34 13.85
CA VAL C 112 33.84 -8.20 13.83
C VAL C 112 33.90 -9.35 14.85
N VAL C 113 32.88 -9.43 15.70
CA VAL C 113 32.77 -10.46 16.73
C VAL C 113 31.87 -11.51 16.11
N THR C 114 32.48 -12.70 15.86
CA THR C 114 31.81 -13.83 15.22
C THR C 114 32.45 -15.17 15.62
N ASN C 115 31.60 -16.18 15.66
CA ASN C 115 31.99 -17.55 15.79
C ASN C 115 32.21 -18.20 14.42
N ASN C 116 31.89 -17.51 13.33
CA ASN C 116 32.06 -18.09 12.01
C ASN C 116 33.37 -17.69 11.39
N LEU C 117 34.46 -18.17 11.99
CA LEU C 117 35.80 -17.79 11.61
C LEU C 117 36.13 -18.24 10.18
N ARG C 118 35.79 -19.47 9.86
CA ARG C 118 36.03 -20.02 8.52
C ARG C 118 35.47 -19.12 7.41
N GLU C 119 34.19 -18.75 7.55
CA GLU C 119 33.48 -17.87 6.62
C GLU C 119 34.14 -16.48 6.59
N PHE C 120 34.27 -15.89 7.77
CA PHE C 120 34.66 -14.49 7.83
C PHE C 120 36.14 -14.31 7.60
N GLU C 121 36.92 -15.39 7.84
CA GLU C 121 38.38 -15.35 7.70
C GLU C 121 38.88 -14.79 6.36
N ARG C 122 38.12 -15.16 5.34
CA ARG C 122 38.43 -14.95 3.95
C ARG C 122 38.05 -13.53 3.46
N ILE C 123 37.35 -12.71 4.25
CA ILE C 123 36.99 -11.36 3.80
C ILE C 123 38.18 -10.46 3.93
N PRO C 124 38.59 -9.82 2.84
CA PRO C 124 39.76 -8.94 2.86
C PRO C 124 39.69 -7.79 3.83
N GLY C 125 40.81 -7.60 4.53
CA GLY C 125 41.04 -6.50 5.41
C GLY C 125 40.32 -6.63 6.74
N ILE C 126 39.59 -7.72 6.93
CA ILE C 126 38.76 -7.93 8.11
C ILE C 126 39.58 -8.25 9.34
N ARG C 127 39.18 -7.70 10.47
CA ARG C 127 39.68 -8.14 11.76
C ARG C 127 38.55 -8.83 12.51
N ILE C 128 38.87 -9.97 13.13
CA ILE C 128 37.89 -10.86 13.80
C ILE C 128 38.27 -11.20 15.24
N GLU C 129 37.25 -11.28 16.13
CA GLU C 129 37.41 -11.87 17.50
C GLU C 129 36.19 -12.81 17.69
N ASP C 130 36.44 -13.98 18.24
CA ASP C 130 35.41 -14.91 18.59
C ASP C 130 35.24 -14.78 20.09
N TRP C 131 34.10 -14.33 20.56
CA TRP C 131 33.86 -14.19 21.98
C TRP C 131 33.18 -15.42 22.69
N CYS C 132 32.81 -16.47 21.95
CA CYS C 132 32.26 -17.71 22.55
C CYS C 132 33.11 -18.26 23.73
N ILE D 2 35.22 10.74 31.80
CA ILE D 2 33.88 10.21 32.19
C ILE D 2 33.09 9.76 30.95
N THR D 3 32.84 8.45 30.88
CA THR D 3 32.32 7.81 29.72
C THR D 3 30.84 7.57 29.93
N PRO D 4 30.00 8.03 29.01
CA PRO D 4 28.56 7.79 29.22
C PRO D 4 28.26 6.31 29.04
N VAL D 5 27.37 5.79 29.86
CA VAL D 5 27.03 4.39 29.77
C VAL D 5 25.51 4.24 29.84
N GLY D 6 24.99 3.24 29.13
CA GLY D 6 23.58 2.87 29.25
C GLY D 6 23.27 2.13 30.55
N GLU D 7 22.08 1.56 30.64
CA GLU D 7 21.76 0.60 31.67
C GLU D 7 22.80 -0.54 31.65
N SER D 8 22.90 -1.27 32.75
CA SER D 8 23.95 -2.22 32.87
C SER D 8 23.72 -3.41 32.02
N TRP D 9 24.79 -4.02 31.58
CA TRP D 9 24.65 -5.31 30.92
C TRP D 9 24.07 -6.47 31.76
N ASP D 10 24.45 -6.55 33.01
CA ASP D 10 23.98 -7.61 33.91
C ASP D 10 22.47 -7.57 34.07
N SER D 11 21.91 -6.37 34.11
CA SER D 11 20.44 -6.21 34.23
C SER D 11 19.70 -6.77 33.00
N TRP D 12 20.33 -6.67 31.84
CA TRP D 12 19.81 -7.33 30.67
C TRP D 12 20.07 -8.85 30.63
N PHE D 13 21.32 -9.27 30.85
CA PHE D 13 21.62 -10.72 30.86
C PHE D 13 20.75 -11.48 31.90
N ASP D 14 20.56 -10.88 33.05
CA ASP D 14 19.72 -11.47 34.06
C ASP D 14 18.25 -11.32 33.80
N GLY D 15 17.83 -10.50 32.83
CA GLY D 15 16.38 -10.38 32.48
C GLY D 15 15.72 -11.67 31.99
N GLU D 16 14.40 -11.77 31.94
CA GLU D 16 13.82 -12.99 31.38
C GLU D 16 13.91 -12.80 29.89
N GLY D 17 14.24 -13.85 29.17
CA GLY D 17 14.70 -13.68 27.82
C GLY D 17 13.65 -13.88 26.74
N ALA D 18 14.13 -14.38 25.64
CA ALA D 18 13.32 -14.61 24.49
C ALA D 18 12.53 -15.94 24.63
N SER D 19 11.38 -16.02 23.98
CA SER D 19 10.71 -17.32 23.84
C SER D 19 11.67 -18.35 23.19
N THR D 20 11.28 -19.62 23.26
CA THR D 20 12.17 -20.71 22.85
C THR D 20 12.38 -20.79 21.36
N ASP D 21 11.32 -20.48 20.63
CA ASP D 21 11.35 -20.49 19.17
C ASP D 21 12.16 -19.32 18.57
N PHE D 22 12.46 -18.29 19.33
CA PHE D 22 13.06 -17.06 18.74
C PHE D 22 14.29 -17.42 17.88
N MET D 23 14.15 -17.21 16.58
CA MET D 23 15.23 -17.36 15.65
C MET D 23 15.96 -18.67 15.85
N SER D 24 15.19 -19.73 15.92
CA SER D 24 15.79 -21.05 16.00
C SER D 24 16.57 -21.21 14.69
N THR D 25 16.05 -20.68 13.60
CA THR D 25 16.85 -20.46 12.39
C THR D 25 16.95 -18.96 12.08
N ARG D 26 18.02 -18.59 11.39
CA ARG D 26 18.27 -17.18 11.08
C ARG D 26 17.59 -16.74 9.78
N GLU D 27 17.73 -17.60 8.76
CA GLU D 27 17.19 -17.35 7.43
C GLU D 27 17.96 -16.26 6.67
N GLN D 28 19.15 -16.64 6.21
CA GLN D 28 19.90 -15.85 5.27
C GLN D 28 19.86 -16.62 3.96
N PRO D 29 19.47 -15.93 2.86
CA PRO D 29 19.43 -16.59 1.56
C PRO D 29 20.82 -17.07 1.07
N MET E 1 -6.16 -13.23 -14.17
CA MET E 1 -6.90 -12.70 -13.01
C MET E 1 -6.75 -11.17 -12.98
N LEU E 2 -7.75 -10.49 -12.42
CA LEU E 2 -7.65 -9.08 -12.20
C LEU E 2 -6.56 -8.72 -11.19
N LYS E 3 -5.86 -7.60 -11.42
CA LYS E 3 -4.90 -7.16 -10.45
C LYS E 3 -4.98 -5.70 -10.09
N PHE E 4 -5.44 -4.89 -11.05
CA PHE E 4 -5.46 -3.47 -10.94
C PHE E 4 -6.89 -2.96 -10.98
N MET E 5 -7.19 -2.06 -10.07
CA MET E 5 -8.38 -1.24 -10.14
C MET E 5 -7.97 0.20 -10.40
N LEU E 6 -8.36 0.74 -11.59
CA LEU E 6 -8.01 2.08 -11.95
C LEU E 6 -8.95 3.07 -11.29
N ASP E 7 -8.39 4.10 -10.69
CA ASP E 7 -9.16 5.09 -10.00
C ASP E 7 -9.77 6.02 -10.99
N THR E 8 -10.74 6.79 -10.56
CA THR E 8 -11.41 7.67 -11.52
C THR E 8 -10.47 8.69 -12.22
N ASN E 9 -9.53 9.24 -11.51
CA ASN E 9 -8.66 10.29 -12.14
C ASN E 9 -7.75 9.77 -13.21
N THR E 10 -7.29 8.53 -13.06
CA THR E 10 -6.50 7.91 -14.08
C THR E 10 -7.31 7.71 -15.34
N CYS E 11 -8.57 7.31 -15.15
CA CYS E 11 -9.42 7.09 -16.30
C CYS E 11 -9.69 8.40 -16.96
N ILE E 12 -10.01 9.43 -16.20
CA ILE E 12 -10.21 10.77 -16.80
C ILE E 12 -9.01 11.24 -17.58
N PHE E 13 -7.87 11.25 -16.91
CA PHE E 13 -6.64 11.73 -17.53
C PHE E 13 -6.35 10.95 -18.81
N THR E 14 -6.64 9.65 -18.80
CA THR E 14 -6.37 8.81 -19.94
C THR E 14 -7.30 9.14 -21.10
N ILE E 15 -8.57 9.27 -20.75
CA ILE E 15 -9.59 9.57 -21.73
C ILE E 15 -9.26 10.90 -22.39
N LYS E 16 -8.91 11.91 -21.60
CA LYS E 16 -8.68 13.24 -22.13
C LYS E 16 -7.39 13.32 -22.97
N ASN E 17 -6.29 12.74 -22.51
CA ASN E 17 -4.99 13.03 -23.10
C ASN E 17 -4.37 11.88 -23.88
N LYS E 18 -4.94 10.69 -23.71
CA LYS E 18 -4.52 9.46 -24.38
C LYS E 18 -3.01 9.29 -24.48
N PRO E 19 -2.30 9.23 -23.35
CA PRO E 19 -0.83 9.22 -23.44
C PRO E 19 -0.24 7.87 -23.79
N GLU E 20 0.90 7.84 -24.47
CA GLU E 20 1.56 6.61 -24.89
C GLU E 20 2.09 5.79 -23.74
N HIS E 21 2.51 6.44 -22.66
CA HIS E 21 3.02 5.73 -21.50
C HIS E 21 1.92 4.87 -20.87
N ILE E 22 0.73 5.44 -20.79
CA ILE E 22 -0.44 4.72 -20.34
C ILE E 22 -0.83 3.64 -21.35
N ARG E 23 -0.86 3.96 -22.65
CA ARG E 23 -1.20 2.92 -23.65
C ARG E 23 -0.35 1.66 -23.49
N GLU E 24 0.95 1.85 -23.29
CA GLU E 24 1.89 0.72 -23.23
C GLU E 24 1.63 -0.15 -22.01
N ARG E 25 1.23 0.52 -20.93
CA ARG E 25 0.86 -0.16 -19.69
C ARG E 25 -0.49 -0.90 -19.88
N PHE E 26 -1.47 -0.23 -20.48
CA PHE E 26 -2.75 -0.89 -20.79
C PHE E 26 -2.48 -2.12 -21.60
N ASN E 27 -1.77 -1.97 -22.69
CA ASN E 27 -1.53 -3.11 -23.56
C ASN E 27 -0.85 -4.24 -22.86
N LEU E 28 0.03 -3.92 -21.92
CA LEU E 28 0.75 -4.95 -21.14
C LEU E 28 -0.12 -5.65 -20.08
N ASN E 29 -1.26 -5.08 -19.74
CA ASN E 29 -2.12 -5.62 -18.69
C ASN E 29 -3.53 -5.93 -19.17
N THR E 30 -3.66 -6.42 -20.39
CA THR E 30 -4.96 -6.80 -20.84
C THR E 30 -5.41 -7.98 -20.00
N SER E 31 -6.68 -7.93 -19.71
CA SER E 31 -7.36 -8.88 -18.87
C SER E 31 -7.04 -8.73 -17.41
N ARG E 32 -6.19 -7.77 -17.01
CA ARG E 32 -5.89 -7.61 -15.58
C ARG E 32 -6.44 -6.34 -14.95
N MET E 33 -7.17 -5.56 -15.71
CA MET E 33 -7.59 -4.26 -15.29
C MET E 33 -9.10 -4.16 -15.15
N CYS E 34 -9.52 -3.33 -14.21
CA CYS E 34 -10.91 -3.13 -13.95
C CYS E 34 -11.11 -1.77 -13.38
N ILE E 35 -12.37 -1.37 -13.32
CA ILE E 35 -12.79 -0.24 -12.55
C ILE E 35 -14.03 -0.65 -11.71
N SER E 36 -14.25 0.10 -10.66
CA SER E 36 -15.47 -0.05 -9.91
C SER E 36 -16.61 0.56 -10.68
N SER E 37 -17.81 0.05 -10.48
CA SER E 37 -19.05 0.65 -10.98
C SER E 37 -19.24 2.11 -10.49
N ILE E 38 -18.64 2.42 -9.36
CA ILE E 38 -18.58 3.81 -8.88
C ILE E 38 -17.87 4.75 -9.87
N THR E 39 -16.75 4.28 -10.44
CA THR E 39 -16.05 5.01 -11.44
C THR E 39 -16.79 5.11 -12.74
N LEU E 40 -17.49 4.05 -13.15
CA LEU E 40 -18.33 4.10 -14.28
C LEU E 40 -19.37 5.24 -14.12
N MET E 41 -20.03 5.28 -12.99
CA MET E 41 -21.00 6.32 -12.69
C MET E 41 -20.42 7.70 -12.87
N GLU E 42 -19.19 7.93 -12.37
CA GLU E 42 -18.56 9.23 -12.54
C GLU E 42 -18.25 9.59 -14.00
N LEU E 43 -17.79 8.62 -14.79
CA LEU E 43 -17.47 8.84 -16.18
C LEU E 43 -18.72 9.12 -17.01
N ILE E 44 -19.79 8.41 -16.72
CA ILE E 44 -21.02 8.64 -17.42
C ILE E 44 -21.55 10.05 -17.08
N TYR E 45 -21.44 10.46 -15.82
CA TYR E 45 -21.81 11.82 -15.42
C TYR E 45 -20.99 12.86 -16.20
N GLY E 46 -19.68 12.65 -16.29
CA GLY E 46 -18.76 13.55 -17.02
C GLY E 46 -19.17 13.77 -18.48
N ALA E 47 -19.43 12.68 -19.19
CA ALA E 47 -19.98 12.77 -20.53
C ALA E 47 -21.31 13.55 -20.62
N GLU E 48 -22.32 13.07 -19.93
CA GLU E 48 -23.66 13.63 -19.99
C GLU E 48 -23.75 15.11 -19.63
N LYS E 49 -22.91 15.57 -18.69
CA LYS E 49 -22.94 16.95 -18.22
C LYS E 49 -22.18 17.86 -19.18
N SER E 50 -21.41 17.26 -20.09
CA SER E 50 -20.56 18.03 -20.96
C SER E 50 -21.31 18.68 -22.14
N LEU E 51 -20.50 19.41 -22.90
CA LEU E 51 -20.92 20.07 -24.14
C LEU E 51 -21.22 19.09 -25.27
N ALA E 52 -20.48 17.99 -25.33
CA ALA E 52 -20.68 16.98 -26.37
C ALA E 52 -21.15 15.64 -25.75
N PRO E 53 -22.35 15.61 -25.15
CA PRO E 53 -22.73 14.42 -24.40
C PRO E 53 -22.58 13.17 -25.23
N GLU E 54 -23.28 13.14 -26.35
CA GLU E 54 -23.25 11.97 -27.25
C GLU E 54 -21.86 11.51 -27.65
N ARG E 55 -20.99 12.45 -27.95
CA ARG E 55 -19.68 12.08 -28.42
C ARG E 55 -18.77 11.54 -27.29
N ASN E 56 -18.82 12.22 -26.16
CA ASN E 56 -18.07 11.81 -24.99
C ASN E 56 -18.57 10.48 -24.47
N LEU E 57 -19.88 10.23 -24.62
CA LEU E 57 -20.46 8.96 -24.17
C LEU E 57 -19.82 7.86 -24.94
N ALA E 58 -19.56 8.09 -26.23
CA ALA E 58 -19.08 6.99 -27.07
C ALA E 58 -17.62 6.68 -26.77
N VAL E 59 -16.89 7.72 -26.37
CA VAL E 59 -15.50 7.55 -25.99
C VAL E 59 -15.45 6.77 -24.68
N VAL E 60 -16.25 7.20 -23.72
CA VAL E 60 -16.37 6.47 -22.43
C VAL E 60 -16.81 5.03 -22.63
N GLU E 61 -17.77 4.78 -23.52
CA GLU E 61 -18.17 3.38 -23.80
C GLU E 61 -17.06 2.57 -24.42
N GLY E 62 -16.29 3.17 -25.31
CA GLY E 62 -15.23 2.40 -25.92
C GLY E 62 -14.19 2.06 -24.85
N PHE E 63 -14.02 2.97 -23.90
CA PHE E 63 -13.05 2.75 -22.79
C PHE E 63 -13.52 1.62 -21.94
N ILE E 64 -14.74 1.73 -21.41
CA ILE E 64 -15.22 0.65 -20.51
C ILE E 64 -15.44 -0.75 -21.10
N SER E 65 -15.79 -0.90 -22.38
CA SER E 65 -15.90 -2.24 -22.94
C SER E 65 -14.57 -2.94 -23.11
N ARG E 66 -13.46 -2.23 -22.99
CA ARG E 66 -12.19 -2.92 -23.10
C ARG E 66 -11.64 -3.43 -21.76
N LEU E 67 -12.24 -3.04 -20.64
CA LEU E 67 -11.83 -3.64 -19.35
C LEU E 67 -13.01 -4.12 -18.48
N GLU E 68 -12.79 -4.60 -17.25
CA GLU E 68 -13.90 -5.11 -16.46
C GLU E 68 -14.46 -4.04 -15.53
N VAL E 69 -15.77 -3.96 -15.51
CA VAL E 69 -16.47 -3.14 -14.53
C VAL E 69 -17.06 -4.02 -13.44
N LEU E 70 -16.55 -3.86 -12.24
CA LEU E 70 -17.05 -4.64 -11.13
C LEU E 70 -18.20 -3.99 -10.38
N ASP E 71 -19.24 -4.77 -10.10
CA ASP E 71 -20.36 -4.33 -9.29
C ASP E 71 -19.89 -4.04 -7.88
N TYR E 72 -20.40 -3.00 -7.24
CA TYR E 72 -20.08 -2.71 -5.88
C TYR E 72 -21.07 -3.48 -4.97
N ASP E 73 -20.57 -4.59 -4.41
CA ASP E 73 -21.38 -5.61 -3.75
C ASP E 73 -21.29 -5.49 -2.25
N THR E 74 -21.89 -6.43 -1.54
CA THR E 74 -21.90 -6.48 -0.11
C THR E 74 -20.54 -6.43 0.50
N GLN E 75 -19.60 -7.28 0.06
CA GLN E 75 -18.26 -7.19 0.65
C GLN E 75 -17.59 -5.87 0.46
N ALA E 76 -17.69 -5.32 -0.73
CA ALA E 76 -17.12 -4.03 -0.99
C ALA E 76 -17.75 -3.01 -0.03
N ALA E 77 -19.07 -3.07 0.17
CA ALA E 77 -19.68 -2.11 1.12
C ALA E 77 -19.22 -2.30 2.58
N ILE E 78 -19.07 -3.55 3.00
CA ILE E 78 -18.58 -3.79 4.35
C ILE E 78 -17.16 -3.24 4.56
N HIS E 79 -16.28 -3.55 3.62
CA HIS E 79 -14.91 -3.07 3.70
C HIS E 79 -14.86 -1.59 3.69
N THR E 80 -15.71 -0.95 2.90
CA THR E 80 -15.69 0.52 2.83
C THR E 80 -16.15 1.11 4.16
N GLY E 81 -17.16 0.49 4.78
CA GLY E 81 -17.70 0.94 6.05
C GLY E 81 -16.62 0.89 7.11
N GLN E 82 -15.83 -0.18 7.10
CA GLN E 82 -14.71 -0.33 8.05
C GLN E 82 -13.60 0.66 7.84
N ILE E 83 -13.13 0.81 6.59
CA ILE E 83 -12.22 1.89 6.20
C ILE E 83 -12.75 3.27 6.68
N ARG E 84 -14.01 3.58 6.44
CA ARG E 84 -14.56 4.91 6.81
C ARG E 84 -14.45 5.16 8.32
N ALA E 85 -14.75 4.14 9.11
CA ALA E 85 -14.61 4.29 10.56
C ALA E 85 -13.16 4.45 11.00
N GLU E 86 -12.21 3.75 10.38
CA GLU E 86 -10.80 3.87 10.74
C GLU E 86 -10.28 5.25 10.38
N LEU E 87 -10.70 5.76 9.23
CA LEU E 87 -10.35 7.11 8.84
C LEU E 87 -10.96 8.18 9.76
N ALA E 88 -12.19 7.96 10.22
CA ALA E 88 -12.76 8.91 11.19
C ALA E 88 -11.80 8.91 12.41
N ARG E 89 -11.41 7.73 12.87
CA ARG E 89 -10.59 7.67 14.07
C ARG E 89 -9.26 8.36 13.86
N LYS E 90 -8.65 8.21 12.69
CA LYS E 90 -7.36 8.84 12.44
C LYS E 90 -7.49 10.33 12.14
N GLY E 91 -8.69 10.84 11.93
CA GLY E 91 -8.85 12.23 11.53
C GLY E 91 -8.29 12.58 10.16
N THR E 92 -8.16 11.57 9.30
CA THR E 92 -7.61 11.74 7.97
C THR E 92 -8.72 11.55 6.94
N PRO E 93 -9.04 12.59 6.18
CA PRO E 93 -10.18 12.46 5.30
C PRO E 93 -9.87 11.99 3.85
N VAL E 94 -10.87 11.39 3.24
CA VAL E 94 -10.81 10.93 1.85
C VAL E 94 -12.20 11.22 1.32
N GLY E 95 -12.34 11.60 0.06
CA GLY E 95 -13.62 11.88 -0.53
C GLY E 95 -14.46 10.61 -0.64
N PRO E 96 -15.77 10.78 -0.73
CA PRO E 96 -16.67 9.62 -0.69
C PRO E 96 -16.51 8.64 -1.79
N TYR E 97 -16.29 9.08 -3.03
CA TYR E 97 -16.06 8.12 -4.09
C TYR E 97 -14.73 7.42 -3.98
N ASP E 98 -13.68 8.12 -3.62
CA ASP E 98 -12.38 7.48 -3.43
C ASP E 98 -12.42 6.46 -2.32
N GLN E 99 -13.17 6.74 -1.27
CA GLN E 99 -13.34 5.76 -0.18
C GLN E 99 -13.98 4.44 -0.69
N MET E 100 -15.00 4.57 -1.55
CA MET E 100 -15.68 3.39 -2.05
C MET E 100 -14.79 2.59 -2.99
N ILE E 101 -14.00 3.29 -3.79
CA ILE E 101 -13.12 2.64 -4.72
C ILE E 101 -12.05 1.92 -3.98
N ALA E 102 -11.48 2.59 -2.96
CA ALA E 102 -10.47 1.96 -2.15
C ALA E 102 -11.02 0.77 -1.39
N GLY E 103 -12.24 0.87 -0.92
CA GLY E 103 -12.85 -0.25 -0.24
C GLY E 103 -13.14 -1.39 -1.19
N HIS E 104 -13.62 -1.07 -2.39
CA HIS E 104 -13.91 -2.06 -3.33
C HIS E 104 -12.61 -2.81 -3.71
N ALA E 105 -11.58 -2.05 -3.95
CA ALA E 105 -10.30 -2.64 -4.39
C ALA E 105 -9.81 -3.53 -3.30
N GLY E 106 -9.93 -3.04 -2.06
CA GLY E 106 -9.50 -3.78 -0.89
C GLY E 106 -10.26 -5.06 -0.69
N SER E 107 -11.56 -4.99 -0.85
CA SER E 107 -12.36 -6.20 -0.72
C SER E 107 -11.99 -7.29 -1.76
N ARG E 108 -11.39 -6.92 -2.88
CA ARG E 108 -10.97 -7.89 -3.90
C ARG E 108 -9.46 -8.12 -3.88
N GLY E 109 -8.73 -7.52 -2.97
CA GLY E 109 -7.23 -7.70 -2.93
C GLY E 109 -6.54 -7.09 -4.16
N LEU E 110 -7.06 -5.98 -4.68
CA LEU E 110 -6.50 -5.40 -5.90
C LEU E 110 -5.59 -4.18 -5.64
N VAL E 111 -4.62 -3.96 -6.53
CA VAL E 111 -3.75 -2.82 -6.47
C VAL E 111 -4.55 -1.63 -6.97
N VAL E 112 -4.56 -0.52 -6.23
CA VAL E 112 -5.16 0.70 -6.76
C VAL E 112 -4.21 1.48 -7.68
N VAL E 113 -4.65 1.79 -8.90
CA VAL E 113 -3.87 2.65 -9.82
C VAL E 113 -4.36 4.10 -9.72
N THR E 114 -3.45 4.99 -9.28
CA THR E 114 -3.79 6.39 -9.07
C THR E 114 -2.55 7.26 -9.05
N ASN E 115 -2.75 8.51 -9.41
CA ASN E 115 -1.71 9.54 -9.20
C ASN E 115 -2.04 10.42 -7.99
N ASN E 116 -3.17 10.18 -7.33
CA ASN E 116 -3.52 10.95 -6.11
C ASN E 116 -2.96 10.28 -4.86
N LEU E 117 -1.63 10.27 -4.74
CA LEU E 117 -1.01 9.57 -3.66
C LEU E 117 -1.40 10.14 -2.29
N ARG E 118 -1.40 11.47 -2.16
CA ARG E 118 -1.70 12.12 -0.88
C ARG E 118 -2.99 11.61 -0.29
N GLU E 119 -4.01 11.47 -1.13
CA GLU E 119 -5.30 11.05 -0.62
C GLU E 119 -5.31 9.55 -0.38
N PHE E 120 -4.97 8.76 -1.39
CA PHE E 120 -5.09 7.30 -1.26
C PHE E 120 -4.05 6.69 -0.28
N GLU E 121 -2.90 7.33 -0.12
CA GLU E 121 -1.96 6.85 0.92
C GLU E 121 -2.58 6.79 2.34
N ARG E 122 -3.61 7.57 2.60
CA ARG E 122 -4.28 7.56 3.90
C ARG E 122 -5.01 6.25 4.16
N ILE E 123 -5.20 5.42 3.13
CA ILE E 123 -6.06 4.26 3.25
C ILE E 123 -5.28 3.12 3.87
N PRO E 124 -5.76 2.60 5.03
CA PRO E 124 -5.10 1.46 5.66
C PRO E 124 -5.05 0.24 4.75
N GLY E 125 -3.85 -0.31 4.52
CA GLY E 125 -3.70 -1.61 3.83
C GLY E 125 -3.76 -1.58 2.31
N ILE E 126 -3.68 -0.39 1.75
CA ILE E 126 -3.72 -0.23 0.30
C ILE E 126 -2.34 -0.48 -0.35
N ARG E 127 -2.35 -1.14 -1.51
CA ARG E 127 -1.21 -1.18 -2.42
C ARG E 127 -1.51 -0.24 -3.59
N ILE E 128 -0.56 0.62 -3.94
CA ILE E 128 -0.76 1.64 -4.92
C ILE E 128 0.29 1.57 -5.96
N GLU E 129 -0.14 1.77 -7.20
CA GLU E 129 0.77 1.87 -8.34
C GLU E 129 0.29 3.05 -9.14
N ASP E 130 1.20 3.95 -9.48
CA ASP E 130 0.87 5.14 -10.20
C ASP E 130 1.36 4.96 -11.66
N TRP E 131 0.43 5.06 -12.60
CA TRP E 131 0.77 4.88 -14.04
C TRP E 131 1.10 6.14 -14.84
N CYS E 132 1.01 7.33 -14.22
CA CYS E 132 1.18 8.61 -14.94
C CYS E 132 2.64 9.03 -15.03
N SER F 1 -8.80 -4.67 -28.41
CA SER F 1 -7.44 -4.05 -28.46
C SER F 1 -7.51 -2.63 -27.99
N TRP F 2 -6.43 -2.13 -27.40
CA TRP F 2 -6.45 -0.75 -26.89
C TRP F 2 -5.98 0.29 -27.93
N ASP F 3 -5.10 -0.15 -28.82
CA ASP F 3 -4.55 0.75 -29.82
C ASP F 3 -5.62 1.50 -30.59
N SER F 4 -6.62 0.76 -31.02
CA SER F 4 -7.77 1.31 -31.76
C SER F 4 -8.45 2.45 -30.99
N TRP F 5 -8.54 2.28 -29.68
CA TRP F 5 -9.20 3.24 -28.84
C TRP F 5 -8.29 4.45 -28.68
N PHE F 6 -7.00 4.21 -28.56
CA PHE F 6 -6.05 5.31 -28.40
C PHE F 6 -5.92 6.23 -29.62
N ASP F 7 -6.02 5.67 -30.82
CA ASP F 7 -5.91 6.52 -32.03
C ASP F 7 -7.18 7.34 -32.36
N GLY F 8 -8.28 7.06 -31.66
CA GLY F 8 -9.55 7.71 -31.95
C GLY F 8 -9.55 9.23 -31.85
N GLU F 9 -10.71 9.80 -32.13
CA GLU F 9 -10.98 11.18 -31.76
C GLU F 9 -11.45 11.07 -30.31
N GLY F 10 -10.74 11.73 -29.40
CA GLY F 10 -11.12 11.70 -28.01
C GLY F 10 -12.27 12.64 -27.68
N ALA F 11 -12.27 13.08 -26.43
CA ALA F 11 -13.42 13.73 -25.89
C ALA F 11 -13.37 15.21 -26.21
N SER F 12 -14.50 15.87 -26.08
CA SER F 12 -14.47 17.31 -26.08
C SER F 12 -13.51 17.83 -24.97
N THR F 13 -13.15 19.09 -25.12
CA THR F 13 -12.12 19.71 -24.30
C THR F 13 -12.65 20.08 -22.91
N ASP F 14 -13.94 20.41 -22.84
CA ASP F 14 -14.57 20.65 -21.54
C ASP F 14 -14.72 19.38 -20.69
N PHE F 15 -14.48 18.20 -21.27
CA PHE F 15 -14.77 16.94 -20.56
C PHE F 15 -14.04 16.78 -19.24
N MET F 16 -14.84 16.84 -18.17
CA MET F 16 -14.40 16.61 -16.79
C MET F 16 -13.13 17.33 -16.41
N SER F 17 -12.99 18.56 -16.88
CA SER F 17 -11.88 19.40 -16.47
C SER F 17 -12.02 19.65 -14.96
N THR F 18 -13.27 19.81 -14.53
CA THR F 18 -13.67 19.59 -13.13
C THR F 18 -14.22 18.16 -12.92
N ARG F 19 -13.67 17.41 -11.94
CA ARG F 19 -14.25 16.10 -11.54
C ARG F 19 -15.48 16.31 -10.63
N GLU F 20 -15.25 17.07 -9.56
CA GLU F 20 -16.26 17.43 -8.54
C GLU F 20 -16.75 16.19 -7.77
N GLN F 21 -16.25 16.06 -6.55
CA GLN F 21 -16.56 14.93 -5.67
C GLN F 21 -17.14 15.48 -4.33
N PRO F 22 -18.49 15.59 -4.21
CA PRO F 22 -19.08 16.22 -3.01
C PRO F 22 -18.83 15.41 -1.73
N MET G 1 -41.98 -10.24 -5.83
CA MET G 1 -41.11 -9.39 -6.68
C MET G 1 -40.72 -8.19 -5.85
N LEU G 2 -39.53 -7.63 -6.08
CA LEU G 2 -39.09 -6.46 -5.32
C LEU G 2 -39.87 -5.21 -5.80
N LYS G 3 -40.28 -4.36 -4.86
CA LYS G 3 -40.98 -3.11 -5.16
C LYS G 3 -40.30 -1.85 -4.54
N PHE G 4 -39.78 -1.99 -3.33
CA PHE G 4 -39.33 -0.85 -2.53
C PHE G 4 -37.85 -0.96 -2.19
N MET G 5 -37.13 0.13 -2.39
CA MET G 5 -35.76 0.30 -1.89
C MET G 5 -35.83 1.33 -0.79
N LEU G 6 -35.47 0.89 0.43
CA LEU G 6 -35.43 1.70 1.62
C LEU G 6 -34.26 2.62 1.58
N ASP G 7 -34.52 3.90 1.71
CA ASP G 7 -33.41 4.85 1.73
C ASP G 7 -32.64 4.75 3.05
N THR G 8 -31.48 5.40 3.09
CA THR G 8 -30.62 5.27 4.27
C THR G 8 -31.27 5.87 5.54
N ASN G 9 -31.90 7.03 5.40
CA ASN G 9 -32.60 7.61 6.58
C ASN G 9 -33.73 6.74 7.14
N THR G 10 -34.51 6.13 6.28
CA THR G 10 -35.51 5.23 6.76
C THR G 10 -34.93 4.04 7.53
N CYS G 11 -33.85 3.46 7.02
CA CYS G 11 -33.18 2.38 7.77
C CYS G 11 -32.65 2.84 9.12
N ILE G 12 -32.01 4.01 9.16
CA ILE G 12 -31.43 4.48 10.39
C ILE G 12 -32.54 4.72 11.41
N PHE G 13 -33.57 5.45 11.01
CA PHE G 13 -34.71 5.69 11.90
C PHE G 13 -35.31 4.41 12.42
N THR G 14 -35.44 3.45 11.53
CA THR G 14 -36.03 2.21 11.93
C THR G 14 -35.13 1.43 12.90
N ILE G 15 -33.82 1.42 12.66
CA ILE G 15 -32.93 0.70 13.53
C ILE G 15 -32.90 1.39 14.88
N LYS G 16 -32.90 2.72 14.95
CA LYS G 16 -32.70 3.38 16.25
C LYS G 16 -33.98 3.30 17.10
N ASN G 17 -35.13 3.36 16.44
CA ASN G 17 -36.40 3.57 17.15
C ASN G 17 -37.37 2.39 17.13
N LYS G 18 -37.20 1.46 16.18
CA LYS G 18 -38.05 0.28 16.05
C LYS G 18 -39.50 0.64 16.25
N PRO G 19 -40.02 1.57 15.43
CA PRO G 19 -41.36 2.06 15.69
C PRO G 19 -42.46 1.19 15.06
N GLU G 20 -43.63 1.29 15.66
CA GLU G 20 -44.70 0.38 15.33
C GLU G 20 -45.32 0.58 13.95
N HIS G 21 -45.42 1.81 13.49
CA HIS G 21 -45.94 2.05 12.13
C HIS G 21 -44.99 1.54 11.05
N ILE G 22 -43.69 1.43 11.33
CA ILE G 22 -42.77 0.90 10.31
C ILE G 22 -42.92 -0.61 10.30
N ARG G 23 -42.99 -1.23 11.48
CA ARG G 23 -43.24 -2.68 11.56
C ARG G 23 -44.49 -3.07 10.76
N GLU G 24 -45.54 -2.25 10.83
CA GLU G 24 -46.77 -2.49 10.11
C GLU G 24 -46.52 -2.47 8.60
N ARG G 25 -45.72 -1.52 8.13
CA ARG G 25 -45.40 -1.44 6.71
C ARG G 25 -44.49 -2.63 6.30
N PHE G 26 -43.58 -3.01 7.17
CA PHE G 26 -42.63 -4.11 6.90
C PHE G 26 -43.38 -5.42 6.83
N ASN G 27 -44.29 -5.65 7.78
CA ASN G 27 -45.11 -6.85 7.74
C ASN G 27 -45.97 -6.92 6.50
N LEU G 28 -46.60 -5.83 6.11
CA LEU G 28 -47.34 -5.81 4.88
C LEU G 28 -46.49 -6.09 3.61
N ASN G 29 -45.24 -5.66 3.60
CA ASN G 29 -44.44 -5.71 2.38
C ASN G 29 -43.26 -6.71 2.44
N THR G 30 -43.41 -7.72 3.27
CA THR G 30 -42.35 -8.69 3.50
C THR G 30 -41.97 -9.31 2.17
N SER G 31 -40.68 -9.53 1.94
CA SER G 31 -40.16 -10.11 0.67
C SER G 31 -40.20 -9.19 -0.53
N ARG G 32 -40.70 -7.97 -0.34
CA ARG G 32 -40.73 -6.98 -1.40
C ARG G 32 -39.80 -5.78 -1.20
N MET G 33 -38.97 -5.82 -0.15
CA MET G 33 -38.12 -4.71 0.24
C MET G 33 -36.64 -5.05 0.07
N CYS G 34 -35.87 -4.02 -0.25
CA CYS G 34 -34.45 -4.14 -0.38
C CYS G 34 -33.76 -2.85 0.01
N ILE G 35 -32.45 -2.95 0.18
CA ILE G 35 -31.59 -1.82 0.24
C ILE G 35 -30.47 -1.99 -0.72
N SER G 36 -29.96 -0.85 -1.14
CA SER G 36 -28.77 -0.75 -1.93
C SER G 36 -27.55 -1.06 -1.09
N SER G 37 -26.53 -1.69 -1.70
CA SER G 37 -25.27 -1.89 -1.01
C SER G 37 -24.65 -0.57 -0.51
N ILE G 38 -24.96 0.54 -1.19
CA ILE G 38 -24.50 1.86 -0.75
C ILE G 38 -25.03 2.11 0.68
N THR G 39 -26.30 1.81 0.88
CA THR G 39 -26.90 1.97 2.19
C THR G 39 -26.32 1.00 3.19
N LEU G 40 -25.94 -0.19 2.75
CA LEU G 40 -25.30 -1.09 3.67
C LEU G 40 -23.95 -0.54 4.12
N MET G 41 -23.20 0.03 3.21
CA MET G 41 -21.95 0.67 3.55
C MET G 41 -22.15 1.72 4.67
N GLU G 42 -23.18 2.56 4.52
CA GLU G 42 -23.40 3.60 5.53
C GLU G 42 -23.78 3.01 6.92
N LEU G 43 -24.58 1.96 6.93
CA LEU G 43 -24.92 1.31 8.20
C LEU G 43 -23.75 0.64 8.89
N ILE G 44 -22.94 -0.05 8.10
CA ILE G 44 -21.74 -0.64 8.65
C ILE G 44 -20.86 0.40 9.27
N TYR G 45 -20.61 1.46 8.56
CA TYR G 45 -19.84 2.58 9.10
C TYR G 45 -20.48 3.15 10.40
N GLY G 46 -21.82 3.25 10.42
CA GLY G 46 -22.49 3.78 11.59
C GLY G 46 -22.20 2.90 12.78
N ALA G 47 -22.36 1.62 12.54
CA ALA G 47 -22.13 0.63 13.58
C ALA G 47 -20.69 0.66 14.04
N GLU G 48 -19.76 0.69 13.10
CA GLU G 48 -18.34 0.52 13.45
C GLU G 48 -17.75 1.77 14.12
N LYS G 49 -18.32 2.93 13.87
CA LYS G 49 -17.83 4.13 14.53
C LYS G 49 -18.55 4.40 15.87
N SER G 50 -19.56 3.64 16.21
CA SER G 50 -20.39 3.93 17.40
C SER G 50 -19.65 3.47 18.66
N LEU G 51 -20.20 3.79 19.81
CA LEU G 51 -19.59 3.38 21.09
C LEU G 51 -19.86 1.90 21.37
N ALA G 52 -20.77 1.27 20.62
CA ALA G 52 -21.12 -0.13 20.87
C ALA G 52 -21.11 -0.95 19.58
N PRO G 53 -19.91 -1.11 19.01
CA PRO G 53 -19.79 -1.66 17.67
C PRO G 53 -20.34 -3.06 17.51
N GLU G 54 -20.08 -3.96 18.45
CA GLU G 54 -20.51 -5.37 18.32
C GLU G 54 -22.02 -5.38 18.40
N ARG G 55 -22.53 -4.62 19.35
CA ARG G 55 -23.95 -4.60 19.60
C ARG G 55 -24.66 -4.05 18.36
N ASN G 56 -24.21 -2.91 17.86
CA ASN G 56 -24.85 -2.28 16.74
C ASN G 56 -24.74 -3.09 15.45
N LEU G 57 -23.60 -3.71 15.18
CA LEU G 57 -23.41 -4.58 14.02
C LEU G 57 -24.40 -5.71 14.02
N ALA G 58 -24.68 -6.32 15.18
CA ALA G 58 -25.62 -7.43 15.23
C ALA G 58 -27.05 -6.95 14.97
N VAL G 59 -27.40 -5.78 15.47
CA VAL G 59 -28.69 -5.24 15.10
C VAL G 59 -28.80 -4.98 13.59
N VAL G 60 -27.80 -4.34 13.00
CA VAL G 60 -27.79 -4.14 11.56
C VAL G 60 -27.82 -5.47 10.77
N GLU G 61 -27.06 -6.44 11.23
CA GLU G 61 -27.07 -7.73 10.58
C GLU G 61 -28.46 -8.37 10.62
N GLY G 62 -29.16 -8.23 11.75
CA GLY G 62 -30.51 -8.84 11.85
C GLY G 62 -31.44 -8.15 10.85
N PHE G 63 -31.23 -6.85 10.65
CA PHE G 63 -32.07 -6.07 9.79
C PHE G 63 -31.84 -6.52 8.37
N ILE G 64 -30.57 -6.57 7.93
CA ILE G 64 -30.32 -6.87 6.54
C ILE G 64 -30.61 -8.29 6.17
N SER G 65 -30.50 -9.22 7.14
CA SER G 65 -30.81 -10.63 6.88
C SER G 65 -32.31 -10.86 6.62
N ARG G 66 -33.16 -9.87 6.93
CA ARG G 66 -34.61 -10.06 6.75
C ARG G 66 -35.11 -9.49 5.44
N LEU G 67 -34.25 -8.78 4.74
CA LEU G 67 -34.55 -8.30 3.40
C LEU G 67 -33.35 -8.50 2.49
N GLU G 68 -33.36 -7.86 1.33
CA GLU G 68 -32.37 -8.11 0.31
C GLU G 68 -31.49 -6.92 0.11
N VAL G 69 -30.19 -7.15 -0.01
CA VAL G 69 -29.23 -6.11 -0.36
C VAL G 69 -28.86 -6.24 -1.86
N LEU G 70 -29.10 -5.23 -2.65
CA LEU G 70 -28.76 -5.31 -4.07
C LEU G 70 -27.42 -4.69 -4.37
N ASP G 71 -26.58 -5.42 -5.13
CA ASP G 71 -25.34 -4.85 -5.62
C ASP G 71 -25.55 -3.61 -6.46
N TYR G 72 -24.67 -2.63 -6.31
CA TYR G 72 -24.71 -1.43 -7.12
C TYR G 72 -23.95 -1.75 -8.38
N ASP G 73 -24.69 -2.05 -9.46
CA ASP G 73 -24.18 -2.71 -10.64
C ASP G 73 -24.10 -1.70 -11.78
N THR G 74 -23.79 -2.18 -12.98
CA THR G 74 -23.49 -1.26 -14.08
C THR G 74 -24.75 -0.42 -14.46
N GLN G 75 -25.94 -1.02 -14.50
CA GLN G 75 -27.19 -0.26 -14.72
C GLN G 75 -27.50 0.78 -13.65
N ALA G 76 -27.23 0.46 -12.40
CA ALA G 76 -27.35 1.48 -11.38
C ALA G 76 -26.40 2.66 -11.63
N ALA G 77 -25.15 2.35 -12.01
CA ALA G 77 -24.15 3.38 -12.15
C ALA G 77 -24.55 4.32 -13.25
N ILE G 78 -24.95 3.74 -14.36
CA ILE G 78 -25.34 4.54 -15.53
C ILE G 78 -26.53 5.45 -15.24
N HIS G 79 -27.58 4.89 -14.65
CA HIS G 79 -28.76 5.73 -14.28
C HIS G 79 -28.33 6.79 -13.30
N THR G 80 -27.39 6.47 -12.41
CA THR G 80 -26.99 7.48 -11.46
C THR G 80 -26.26 8.63 -12.17
N GLY G 81 -25.39 8.29 -13.10
CA GLY G 81 -24.64 9.29 -13.86
C GLY G 81 -25.57 10.19 -14.67
N GLN G 82 -26.60 9.63 -15.29
CA GLN G 82 -27.61 10.41 -16.01
C GLN G 82 -28.29 11.39 -15.09
N ILE G 83 -28.86 10.88 -13.99
CA ILE G 83 -29.50 11.73 -12.98
C ILE G 83 -28.62 12.85 -12.45
N ARG G 84 -27.38 12.53 -12.12
CA ARG G 84 -26.45 13.57 -11.68
C ARG G 84 -26.27 14.69 -12.72
N ALA G 85 -26.09 14.33 -13.97
CA ALA G 85 -26.00 15.28 -15.09
C ALA G 85 -27.28 16.16 -15.19
N GLU G 86 -28.41 15.55 -14.91
CA GLU G 86 -29.70 16.21 -15.04
C GLU G 86 -29.91 17.22 -13.93
N LEU G 87 -29.60 16.82 -12.71
CA LEU G 87 -29.59 17.72 -11.56
C LEU G 87 -28.58 18.87 -11.68
N ALA G 88 -27.45 18.60 -12.34
CA ALA G 88 -26.45 19.64 -12.55
C ALA G 88 -27.00 20.69 -13.53
N ARG G 89 -27.79 20.28 -14.50
CA ARG G 89 -28.43 21.24 -15.43
C ARG G 89 -29.51 22.07 -14.70
N LYS G 90 -30.30 21.43 -13.84
CA LYS G 90 -31.33 22.15 -13.08
C LYS G 90 -30.79 22.79 -11.80
N GLY G 91 -29.51 22.55 -11.48
CA GLY G 91 -28.90 23.08 -10.26
C GLY G 91 -29.52 22.60 -8.95
N THR G 92 -30.04 21.37 -8.92
CA THR G 92 -30.65 20.78 -7.71
C THR G 92 -29.62 19.94 -6.92
N PRO G 93 -29.25 20.38 -5.71
CA PRO G 93 -28.24 19.67 -4.91
C PRO G 93 -28.79 18.41 -4.23
N VAL G 94 -28.16 17.25 -4.48
CA VAL G 94 -28.52 16.05 -3.76
C VAL G 94 -27.23 15.41 -3.30
N GLY G 95 -27.21 14.89 -2.08
CA GLY G 95 -26.02 14.32 -1.53
C GLY G 95 -25.59 13.13 -2.37
N PRO G 96 -24.30 12.81 -2.33
CA PRO G 96 -23.73 11.72 -3.17
C PRO G 96 -24.35 10.35 -3.00
N TYR G 97 -24.62 9.97 -1.74
CA TYR G 97 -25.14 8.66 -1.47
C TYR G 97 -26.59 8.62 -1.91
N ASP G 98 -27.32 9.69 -1.67
CA ASP G 98 -28.70 9.75 -2.05
C ASP G 98 -28.85 9.70 -3.55
N GLN G 99 -27.93 10.34 -4.28
CA GLN G 99 -28.03 10.23 -5.73
C GLN G 99 -27.85 8.76 -6.17
N MET G 100 -26.92 8.06 -5.52
CA MET G 100 -26.66 6.66 -5.92
C MET G 100 -27.85 5.78 -5.60
N ILE G 101 -28.46 5.97 -4.44
CA ILE G 101 -29.65 5.21 -4.06
C ILE G 101 -30.81 5.44 -5.08
N ALA G 102 -31.04 6.70 -5.44
CA ALA G 102 -32.06 7.05 -6.46
C ALA G 102 -31.76 6.43 -7.81
N GLY G 103 -30.48 6.48 -8.18
CA GLY G 103 -30.07 5.89 -9.41
C GLY G 103 -30.31 4.39 -9.42
N HIS G 104 -29.91 3.74 -8.32
CA HIS G 104 -30.07 2.31 -8.21
C HIS G 104 -31.55 1.92 -8.30
N ALA G 105 -32.37 2.61 -7.52
CA ALA G 105 -33.80 2.32 -7.53
C ALA G 105 -34.38 2.46 -8.91
N GLY G 106 -34.02 3.56 -9.55
CA GLY G 106 -34.48 3.85 -10.88
C GLY G 106 -34.04 2.81 -11.87
N SER G 107 -32.85 2.27 -11.73
CA SER G 107 -32.41 1.28 -12.70
C SER G 107 -33.22 0.01 -12.61
N ARG G 108 -33.81 -0.24 -11.46
CA ARG G 108 -34.62 -1.42 -11.23
C ARG G 108 -36.13 -1.15 -11.24
N GLY G 109 -36.57 0.04 -11.56
CA GLY G 109 -37.97 0.44 -11.41
C GLY G 109 -38.55 0.31 -10.02
N LEU G 110 -37.80 0.68 -8.99
CA LEU G 110 -38.23 0.46 -7.64
C LEU G 110 -38.68 1.77 -7.05
N VAL G 111 -39.58 1.67 -6.09
CA VAL G 111 -40.01 2.82 -5.33
C VAL G 111 -39.00 3.13 -4.22
N VAL G 112 -38.52 4.37 -4.12
CA VAL G 112 -37.67 4.74 -2.97
C VAL G 112 -38.54 5.08 -1.78
N VAL G 113 -38.27 4.41 -0.65
CA VAL G 113 -38.96 4.71 0.59
C VAL G 113 -38.12 5.67 1.44
N THR G 114 -38.65 6.89 1.68
CA THR G 114 -37.85 7.94 2.30
C THR G 114 -38.66 8.92 3.15
N ASN G 115 -37.94 9.43 4.17
CA ASN G 115 -38.40 10.38 5.20
C ASN G 115 -38.35 11.81 4.71
N ASN G 116 -37.28 12.15 3.97
CA ASN G 116 -37.05 13.55 3.52
C ASN G 116 -37.24 13.82 2.01
N LEU G 117 -38.44 14.30 1.72
CA LEU G 117 -38.99 14.35 0.38
C LEU G 117 -38.31 15.41 -0.46
N ARG G 118 -38.05 16.57 0.12
CA ARG G 118 -37.52 17.65 -0.68
C ARG G 118 -36.01 17.52 -0.94
N GLU G 119 -35.39 16.47 -0.38
CA GLU G 119 -34.11 15.96 -0.88
C GLU G 119 -34.36 15.12 -2.17
N PHE G 120 -35.30 14.17 -2.11
CA PHE G 120 -35.52 13.27 -3.24
C PHE G 120 -36.51 13.68 -4.32
N GLU G 121 -37.46 14.53 -3.99
CA GLU G 121 -38.60 14.74 -4.87
C GLU G 121 -38.22 15.56 -6.08
N ARG G 122 -37.06 16.18 -6.03
CA ARG G 122 -36.48 16.80 -7.20
C ARG G 122 -35.73 15.87 -8.14
N ILE G 123 -35.68 14.56 -7.87
CA ILE G 123 -34.99 13.65 -8.82
C ILE G 123 -35.94 13.20 -9.92
N PRO G 124 -35.57 13.42 -11.19
CA PRO G 124 -36.46 13.04 -12.29
C PRO G 124 -36.56 11.51 -12.48
N GLY G 125 -37.78 11.02 -12.73
CA GLY G 125 -38.00 9.60 -12.94
C GLY G 125 -38.33 8.86 -11.65
N ILE G 126 -38.12 9.51 -10.51
CA ILE G 126 -38.22 8.86 -9.21
C ILE G 126 -39.68 8.60 -8.79
N ARG G 127 -39.92 7.44 -8.20
CA ARG G 127 -41.15 7.10 -7.51
C ARG G 127 -40.84 7.03 -6.05
N ILE G 128 -41.64 7.67 -5.21
CA ILE G 128 -41.30 7.83 -3.80
C ILE G 128 -42.48 7.45 -2.95
N GLU G 129 -42.18 6.89 -1.78
CA GLU G 129 -43.19 6.69 -0.72
C GLU G 129 -42.54 7.11 0.62
N ASP G 130 -43.30 7.82 1.44
CA ASP G 130 -42.89 8.15 2.78
C ASP G 130 -43.60 7.28 3.77
N TRP G 131 -42.84 6.48 4.51
CA TRP G 131 -43.43 5.62 5.50
C TRP G 131 -43.40 6.22 6.91
N CYS G 132 -42.82 7.41 7.08
CA CYS G 132 -42.68 8.13 8.37
C CYS G 132 -41.65 7.51 9.37
N ILE H 2 -43.87 -21.22 -0.24
CA ILE H 2 -44.12 -20.82 -1.66
C ILE H 2 -43.19 -19.64 -1.95
N THR H 3 -43.39 -18.57 -1.20
CA THR H 3 -42.52 -17.42 -1.20
C THR H 3 -41.53 -17.67 -0.08
N PRO H 4 -40.24 -17.82 -0.41
CA PRO H 4 -39.37 -18.00 0.76
C PRO H 4 -39.33 -16.71 1.54
N VAL H 5 -39.20 -16.83 2.86
CA VAL H 5 -39.14 -15.67 3.75
C VAL H 5 -38.01 -15.79 4.76
N GLY H 6 -37.52 -14.64 5.20
CA GLY H 6 -36.49 -14.60 6.24
C GLY H 6 -37.10 -14.90 7.59
N GLU H 7 -36.34 -14.62 8.65
CA GLU H 7 -36.90 -14.65 10.00
C GLU H 7 -37.92 -13.54 10.10
N SER H 8 -38.86 -13.68 11.01
CA SER H 8 -39.97 -12.72 11.06
C SER H 8 -39.46 -11.33 11.35
N TRP H 9 -40.08 -10.37 10.72
CA TRP H 9 -39.86 -8.99 11.15
C TRP H 9 -40.18 -8.74 12.64
N ASP H 10 -41.22 -9.37 13.14
CA ASP H 10 -41.62 -9.20 14.56
C ASP H 10 -40.51 -9.64 15.50
N SER H 11 -39.83 -10.72 15.19
CA SER H 11 -38.74 -11.11 16.07
C SER H 11 -37.62 -10.05 16.07
N TRP H 12 -37.41 -9.35 14.96
CA TRP H 12 -36.41 -8.31 14.96
C TRP H 12 -36.90 -7.04 15.71
N PHE H 13 -38.12 -6.56 15.48
CA PHE H 13 -38.59 -5.39 16.25
C PHE H 13 -38.61 -5.58 17.77
N ASP H 14 -38.93 -6.78 18.28
CA ASP H 14 -38.81 -7.02 19.73
C ASP H 14 -37.40 -7.29 20.24
N GLY H 15 -36.43 -7.63 19.38
CA GLY H 15 -35.10 -8.02 19.88
C GLY H 15 -34.26 -6.90 20.50
N GLU H 16 -32.96 -7.18 20.71
CA GLU H 16 -31.94 -6.17 21.11
C GLU H 16 -32.06 -4.86 20.30
N GLY H 17 -32.10 -3.71 20.99
CA GLY H 17 -32.10 -2.39 20.35
C GLY H 17 -30.66 -1.90 20.13
N ALA H 18 -30.53 -0.92 19.27
CA ALA H 18 -29.26 -0.24 19.05
C ALA H 18 -28.89 0.62 20.28
N SER H 19 -27.62 0.89 20.47
CA SER H 19 -27.17 1.79 21.51
C SER H 19 -27.72 3.18 21.15
N THR H 20 -27.96 4.02 22.14
CA THR H 20 -28.64 5.27 21.82
C THR H 20 -27.82 6.24 20.91
N ASP H 21 -26.50 6.10 20.89
CA ASP H 21 -25.66 6.97 20.07
C ASP H 21 -25.59 6.54 18.59
N PHE H 22 -26.06 5.33 18.27
CA PHE H 22 -25.93 4.82 16.90
C PHE H 22 -26.48 5.80 15.87
N MET H 23 -25.57 6.30 15.03
CA MET H 23 -25.94 7.20 13.91
C MET H 23 -26.86 8.34 14.35
N SER H 24 -26.48 8.99 15.43
CA SER H 24 -27.20 10.18 15.87
C SER H 24 -27.15 11.26 14.79
N THR H 25 -26.11 11.21 13.96
CA THR H 25 -26.09 11.96 12.68
C THR H 25 -25.58 11.08 11.54
N ARG H 26 -26.17 11.30 10.37
CA ARG H 26 -25.85 10.46 9.22
C ARG H 26 -24.39 10.52 8.73
N GLU H 27 -23.94 11.73 8.41
CA GLU H 27 -22.58 11.98 7.93
C GLU H 27 -22.43 11.58 6.48
N GLN H 28 -23.15 12.32 5.63
CA GLN H 28 -23.04 12.18 4.19
C GLN H 28 -22.39 13.45 3.66
N PRO H 29 -21.22 13.33 3.00
CA PRO H 29 -20.66 14.49 2.32
C PRO H 29 -21.55 14.93 1.17
#